data_4MEW
#
_entry.id   4MEW
#
_cell.length_a   37.11
_cell.length_b   74.46
_cell.length_c   62.33
_cell.angle_alpha   90.00
_cell.angle_beta   92.63
_cell.angle_gamma   90.00
#
_symmetry.space_group_name_H-M   'P 1 21 1'
#
loop_
_entity.id
_entity.type
_entity.pdbx_description
1 polymer "Serine/threonine-protein phosphatase 2A regulatory subunit B'' subunit beta"
2 non-polymer 'CALCIUM ION'
3 non-polymer GLYCEROL
4 water water
#
_entity_poly.entity_id   1
_entity_poly.type   'polypeptide(L)'
_entity_poly.pdbx_seq_one_letter_code
;S(MSE)FPRGRPQDSVNVDAVISKIESTFARFPHERAT(MSE)DD(MSE)GLVAKACGCPLYWKGPLFYGAGGERTGSVS
VHKFVA(MSE)WRKILQNCHDDAAKFVHLL(MSE)SPGCNYLVQEDFVPFLQDVVNTHPGLSFLKEASEFHSRYITTVIQ
RIFYAVNRSWSGRITCAELRRSSFLQNVALLEEEADINQLTEFFSYEHFYVIYCKFWELDTDHDLLIDADDLARHNDHAL
STK(MSE)IDRIFSGAVTRGRKVQKEGKISYADFVWFLISEEDKKTPTSIEYWFRC(MSE)DLDGDGALS(MSE)FELEY
FYEEQCRRLDS(MSE)AIEALPFQDCLCQ(MSE)LDLVKPRTEGKITLQDLKRCKLANVFFDTFFNIEKYLDHEQK
;
_entity_poly.pdbx_strand_id   A
#
# COMPACT_ATOMS: atom_id res chain seq x y z
N ARG A 7 -13.09 4.46 37.39
CA ARG A 7 -11.94 5.37 37.28
C ARG A 7 -12.05 6.29 36.07
N PRO A 8 -11.95 7.61 36.29
CA PRO A 8 -12.04 8.61 35.23
C PRO A 8 -10.82 8.56 34.31
N GLN A 9 -10.92 9.20 33.16
CA GLN A 9 -9.84 9.22 32.20
C GLN A 9 -8.64 10.00 32.73
N ASP A 10 -7.44 9.63 32.27
CA ASP A 10 -6.21 10.30 32.67
C ASP A 10 -6.14 11.70 32.09
N SER A 11 -5.33 12.57 32.71
CA SER A 11 -5.05 13.88 32.15
C SER A 11 -4.23 13.72 30.88
N VAL A 12 -4.24 14.74 30.03
CA VAL A 12 -3.58 14.67 28.73
C VAL A 12 -2.30 15.51 28.67
N ASN A 13 -2.18 16.50 29.56
CA ASN A 13 -1.04 17.42 29.54
C ASN A 13 0.30 16.74 29.79
N VAL A 14 1.39 17.44 29.46
CA VAL A 14 2.74 16.87 29.47
C VAL A 14 3.18 16.31 30.82
N ASP A 15 3.14 17.15 31.85
CA ASP A 15 3.60 16.75 33.18
C ASP A 15 2.84 15.54 33.73
N ALA A 16 1.53 15.52 33.50
CA ALA A 16 0.71 14.40 33.94
C ALA A 16 1.08 13.11 33.20
N VAL A 17 1.24 13.20 31.89
CA VAL A 17 1.63 12.04 31.09
C VAL A 17 3.00 11.51 31.50
N ILE A 18 3.97 12.41 31.63
CA ILE A 18 5.32 12.01 32.03
C ILE A 18 5.31 11.33 33.39
N SER A 19 4.57 11.91 34.33
CA SER A 19 4.43 11.32 35.65
C SER A 19 3.85 9.91 35.58
N LYS A 20 2.87 9.69 34.71
CA LYS A 20 2.26 8.38 34.58
C LYS A 20 3.23 7.38 33.98
N ILE A 21 4.00 7.82 33.00
CA ILE A 21 5.07 7.01 32.44
C ILE A 21 6.08 6.61 33.52
N GLU A 22 6.47 7.57 34.34
CA GLU A 22 7.44 7.29 35.40
C GLU A 22 6.89 6.28 36.42
N SER A 23 5.61 6.41 36.74
CA SER A 23 4.96 5.46 37.65
C SER A 23 4.93 4.06 37.07
N THR A 24 4.76 3.98 35.76
CA THR A 24 4.80 2.70 35.04
C THR A 24 6.19 2.07 35.05
N PHE A 25 7.21 2.87 34.75
CA PHE A 25 8.59 2.38 34.73
C PHE A 25 9.08 1.99 36.12
N ALA A 26 8.51 2.61 37.15
CA ALA A 26 8.88 2.31 38.53
C ALA A 26 8.55 0.86 38.88
N ARG A 27 7.63 0.27 38.12
CA ARG A 27 7.24 -1.12 38.29
C ARG A 27 8.23 -2.10 37.64
N PHE A 28 9.16 -1.58 36.86
CA PHE A 28 10.09 -2.45 36.13
C PHE A 28 11.42 -2.62 36.87
N PRO A 29 11.98 -3.83 36.82
CA PRO A 29 13.33 -4.05 37.39
C PRO A 29 14.33 -3.10 36.74
N HIS A 30 15.10 -2.40 37.57
CA HIS A 30 16.09 -1.42 37.12
C HIS A 30 15.48 -0.25 36.35
N GLU A 31 14.16 -0.10 36.43
CA GLU A 31 13.44 0.93 35.66
C GLU A 31 13.79 0.87 34.17
N ARG A 32 13.93 -0.34 33.65
CA ARG A 32 14.18 -0.55 32.22
C ARG A 32 13.07 -1.44 31.67
N ALA A 33 12.48 -1.03 30.56
CA ALA A 33 11.39 -1.81 29.96
C ALA A 33 11.91 -2.78 28.91
N THR A 34 11.45 -4.02 28.96
CA THR A 34 11.70 -4.96 27.89
C THR A 34 10.51 -4.88 26.94
N ASP A 36 8.30 -7.06 26.38
CA ASP A 36 7.12 -7.59 27.05
C ASP A 36 6.42 -6.57 27.95
N ASP A 37 7.14 -5.51 28.33
CA ASP A 37 6.59 -4.47 29.19
C ASP A 37 5.95 -3.34 28.40
N GLY A 39 3.57 -2.94 26.29
CA GLY A 39 2.12 -2.79 26.28
C GLY A 39 1.65 -1.85 27.39
N LEU A 40 2.24 -2.02 28.57
CA LEU A 40 1.95 -1.15 29.71
C LEU A 40 2.41 0.27 29.43
N VAL A 41 3.57 0.38 28.81
CA VAL A 41 4.12 1.68 28.46
C VAL A 41 3.23 2.39 27.43
N ALA A 42 2.73 1.64 26.46
CA ALA A 42 1.80 2.21 25.47
C ALA A 42 0.57 2.80 26.16
N LYS A 43 0.02 2.07 27.12
CA LYS A 43 -1.14 2.55 27.86
C LYS A 43 -0.82 3.80 28.68
N ALA A 44 0.32 3.83 29.35
CA ALA A 44 0.75 5.03 30.07
C ALA A 44 0.84 6.26 29.15
N CYS A 45 1.20 6.02 27.88
CA CYS A 45 1.31 7.09 26.89
C CYS A 45 -0.03 7.49 26.28
N GLY A 46 -1.08 6.76 26.61
CA GLY A 46 -2.37 6.95 25.96
C GLY A 46 -2.37 6.48 24.52
N CYS A 47 -1.49 5.54 24.20
CA CYS A 47 -1.42 4.98 22.86
C CYS A 47 -2.15 3.66 22.81
N PRO A 48 -2.67 3.30 21.61
CA PRO A 48 -3.22 1.96 21.42
C PRO A 48 -2.17 0.89 21.70
N LEU A 49 -2.62 -0.28 22.11
CA LEU A 49 -1.73 -1.37 22.49
C LEU A 49 -0.67 -1.68 21.43
N TYR A 50 -1.06 -1.72 20.16
CA TYR A 50 -0.12 -2.14 19.12
C TYR A 50 0.87 -1.06 18.66
N TRP A 51 0.91 0.06 19.37
CA TRP A 51 2.00 1.01 19.22
C TRP A 51 3.23 0.56 20.02
N LYS A 52 3.08 -0.52 20.78
CA LYS A 52 4.16 -0.98 21.66
C LYS A 52 5.48 -1.23 20.93
N GLY A 53 5.41 -1.86 19.76
CA GLY A 53 6.60 -2.07 18.94
C GLY A 53 7.26 -0.77 18.52
N PRO A 54 6.51 0.11 17.83
CA PRO A 54 7.02 1.43 17.44
C PRO A 54 7.62 2.21 18.61
N LEU A 55 6.99 2.14 19.78
CA LEU A 55 7.50 2.87 20.94
C LEU A 55 8.85 2.31 21.39
N PHE A 56 8.97 0.99 21.41
CA PHE A 56 10.20 0.30 21.79
C PHE A 56 11.33 0.61 20.81
N TYR A 57 11.07 0.43 19.52
CA TYR A 57 12.07 0.68 18.49
C TYR A 57 12.38 2.15 18.38
N GLY A 58 11.37 2.99 18.63
CA GLY A 58 11.57 4.43 18.63
C GLY A 58 12.58 4.88 19.66
N ALA A 59 12.64 4.18 20.79
CA ALA A 59 13.57 4.54 21.85
C ALA A 59 14.86 3.74 21.78
N GLY A 60 15.07 3.07 20.65
CA GLY A 60 16.30 2.31 20.44
C GLY A 60 16.40 1.01 21.21
N GLY A 61 15.25 0.47 21.61
CA GLY A 61 15.20 -0.75 22.40
C GLY A 61 15.88 -1.95 21.75
N GLU A 62 15.85 -2.01 20.43
CA GLU A 62 16.46 -3.13 19.72
C GLU A 62 17.98 -3.12 19.85
N ARG A 63 18.55 -1.98 20.19
CA ARG A 63 20.01 -1.87 20.25
C ARG A 63 20.61 -2.39 21.54
N THR A 64 19.85 -2.30 22.63
CA THR A 64 20.33 -2.71 23.95
C THR A 64 19.46 -3.77 24.61
N GLY A 65 18.31 -4.07 24.01
CA GLY A 65 17.43 -5.08 24.56
C GLY A 65 16.40 -4.55 25.54
N SER A 66 16.61 -3.32 26.01
CA SER A 66 15.65 -2.68 26.91
C SER A 66 15.73 -1.17 26.81
N VAL A 67 14.73 -0.50 27.37
CA VAL A 67 14.68 0.96 27.34
C VAL A 67 14.55 1.51 28.77
N SER A 68 15.49 2.37 29.16
CA SER A 68 15.42 3.00 30.48
C SER A 68 14.35 4.09 30.50
N VAL A 69 13.86 4.38 31.70
CA VAL A 69 12.85 5.42 31.87
C VAL A 69 13.37 6.78 31.40
N HIS A 70 14.67 7.00 31.58
CA HIS A 70 15.28 8.29 31.25
C HIS A 70 15.29 8.51 29.74
N LYS A 71 15.62 7.45 29.01
CA LYS A 71 15.62 7.50 27.57
C LYS A 71 14.19 7.61 27.04
N PHE A 72 13.28 6.83 27.61
CA PHE A 72 11.91 6.85 27.09
C PHE A 72 11.22 8.19 27.36
N VAL A 73 11.37 8.70 28.58
CA VAL A 73 10.78 9.98 28.94
C VAL A 73 11.31 11.12 28.07
N ALA A 74 12.62 11.15 27.87
CA ALA A 74 13.23 12.20 27.05
C ALA A 74 12.66 12.16 25.62
N TRP A 76 9.68 10.85 24.72
CA TRP A 76 8.25 11.15 24.70
C TRP A 76 7.97 12.63 24.93
N ARG A 77 8.81 13.29 25.72
CA ARG A 77 8.76 14.73 25.85
C ARG A 77 8.90 15.37 24.48
N LYS A 78 9.92 14.93 23.73
CA LYS A 78 10.20 15.48 22.41
C LYS A 78 9.00 15.27 21.47
N ILE A 79 8.43 14.08 21.50
CA ILE A 79 7.29 13.76 20.65
C ILE A 79 6.09 14.65 20.96
N LEU A 80 5.79 14.84 22.24
CA LEU A 80 4.70 15.73 22.63
C LEU A 80 4.95 17.20 22.24
N GLN A 81 6.22 17.59 22.15
CA GLN A 81 6.57 18.94 21.69
C GLN A 81 6.44 19.10 20.17
N ASN A 82 6.63 18.01 19.45
CA ASN A 82 6.70 18.07 17.98
C ASN A 82 5.44 17.60 17.27
N CYS A 83 4.61 16.84 17.98
CA CYS A 83 3.51 16.14 17.33
C CYS A 83 2.17 16.35 18.03
N HIS A 84 1.27 17.05 17.37
CA HIS A 84 0.00 17.40 18.00
C HIS A 84 -1.05 16.29 17.92
N ASP A 85 -0.93 15.39 16.95
CA ASP A 85 -1.91 14.31 16.83
C ASP A 85 -1.28 12.95 16.59
N ASP A 86 -2.12 11.92 16.51
CA ASP A 86 -1.64 10.55 16.39
C ASP A 86 -0.85 10.32 15.11
N ALA A 87 -1.29 10.91 14.01
CA ALA A 87 -0.59 10.76 12.74
C ALA A 87 0.84 11.29 12.85
N ALA A 88 1.00 12.48 13.44
CA ALA A 88 2.32 13.07 13.63
C ALA A 88 3.19 12.20 14.56
N LYS A 89 2.61 11.73 15.65
CA LYS A 89 3.32 10.90 16.62
C LYS A 89 3.82 9.60 15.99
N PHE A 90 2.96 8.98 15.18
CA PHE A 90 3.29 7.70 14.56
C PHE A 90 4.43 7.86 13.56
N VAL A 91 4.36 8.90 12.75
CA VAL A 91 5.40 9.16 11.77
C VAL A 91 6.73 9.43 12.49
N HIS A 92 6.66 10.20 13.57
CA HIS A 92 7.86 10.51 14.36
C HIS A 92 8.50 9.25 14.94
N LEU A 93 7.69 8.31 15.41
CA LEU A 93 8.21 7.06 15.98
C LEU A 93 8.91 6.17 14.95
N LEU A 94 8.34 6.07 13.76
CA LEU A 94 8.83 5.12 12.77
C LEU A 94 9.89 5.67 11.82
N SER A 96 13.07 7.34 9.84
CA SER A 96 14.52 7.36 9.98
C SER A 96 14.92 8.77 10.36
N PRO A 97 15.93 8.90 11.23
CA PRO A 97 16.45 10.22 11.56
C PRO A 97 16.90 10.96 10.30
N GLY A 98 16.37 12.16 10.09
CA GLY A 98 16.69 12.94 8.91
C GLY A 98 15.54 12.99 7.93
N CYS A 99 14.55 12.14 8.14
CA CYS A 99 13.43 12.01 7.19
C CYS A 99 12.09 12.26 7.87
N ASN A 100 11.37 13.28 7.41
CA ASN A 100 10.07 13.61 8.00
C ASN A 100 8.92 12.85 7.32
N TYR A 101 9.10 11.54 7.15
CA TYR A 101 8.17 10.69 6.42
C TYR A 101 8.50 9.21 6.63
N LEU A 102 7.58 8.35 6.23
CA LEU A 102 7.80 6.91 6.34
C LEU A 102 7.98 6.25 4.97
N VAL A 103 8.96 5.37 4.86
CA VAL A 103 9.11 4.55 3.65
C VAL A 103 8.67 3.14 3.99
N GLN A 104 8.53 2.29 2.97
CA GLN A 104 8.02 0.93 3.17
C GLN A 104 8.73 0.18 4.29
N GLU A 105 10.06 0.25 4.31
CA GLU A 105 10.86 -0.48 5.29
C GLU A 105 10.65 -0.02 6.74
N ASP A 106 10.21 1.22 6.94
CA ASP A 106 9.96 1.73 8.29
C ASP A 106 8.84 0.96 9.00
N PHE A 107 7.97 0.32 8.23
CA PHE A 107 6.83 -0.40 8.79
C PHE A 107 7.15 -1.81 9.25
N VAL A 108 8.30 -2.33 8.84
CA VAL A 108 8.63 -3.74 9.07
C VAL A 108 8.68 -4.18 10.55
N PRO A 109 9.40 -3.44 11.40
CA PRO A 109 9.41 -3.85 12.82
C PRO A 109 8.02 -3.85 13.46
N PHE A 110 7.21 -2.83 13.16
CA PHE A 110 5.84 -2.77 13.65
C PHE A 110 5.03 -3.99 13.23
N LEU A 111 5.05 -4.29 11.93
CA LEU A 111 4.29 -5.42 11.40
C LEU A 111 4.79 -6.75 11.92
N GLN A 112 6.10 -6.86 12.16
CA GLN A 112 6.63 -8.09 12.73
C GLN A 112 6.10 -8.30 14.15
N ASP A 113 5.98 -7.22 14.91
CA ASP A 113 5.40 -7.33 16.25
C ASP A 113 3.93 -7.73 16.20
N VAL A 114 3.21 -7.21 15.21
CA VAL A 114 1.82 -7.61 15.00
C VAL A 114 1.74 -9.10 14.70
N VAL A 115 2.62 -9.58 13.84
CA VAL A 115 2.70 -11.02 13.56
C VAL A 115 3.06 -11.83 14.80
N ASN A 116 4.01 -11.32 15.58
CA ASN A 116 4.51 -12.05 16.75
C ASN A 116 3.51 -12.13 17.89
N THR A 117 2.57 -11.18 17.96
CA THR A 117 1.76 -11.06 19.16
C THR A 117 0.24 -11.05 18.97
N HIS A 118 -0.25 -10.68 17.78
CA HIS A 118 -1.70 -10.63 17.60
C HIS A 118 -2.31 -12.04 17.58
N PRO A 119 -3.34 -12.26 18.41
CA PRO A 119 -4.04 -13.54 18.55
C PRO A 119 -4.46 -14.12 17.20
N GLY A 120 -4.85 -13.24 16.28
CA GLY A 120 -5.34 -13.67 14.98
C GLY A 120 -4.27 -14.14 14.03
N LEU A 121 -3.00 -13.99 14.41
CA LEU A 121 -1.89 -14.41 13.55
C LEU A 121 -0.99 -15.45 14.22
N SER A 122 -1.49 -16.06 15.31
CA SER A 122 -0.72 -17.05 16.05
C SER A 122 -0.28 -18.22 15.19
N PHE A 123 -1.17 -18.68 14.32
CA PHE A 123 -0.87 -19.79 13.42
C PHE A 123 0.25 -19.40 12.47
N LEU A 124 0.28 -18.13 12.07
CA LEU A 124 1.25 -17.64 11.11
C LEU A 124 2.60 -17.47 11.77
N LYS A 125 2.57 -17.04 13.03
CA LYS A 125 3.79 -16.80 13.80
C LYS A 125 4.71 -18.02 13.85
N GLU A 126 4.11 -19.21 13.95
CA GLU A 126 4.88 -20.44 14.04
C GLU A 126 5.31 -20.95 12.65
N ALA A 127 4.89 -20.22 11.62
CA ALA A 127 5.31 -20.52 10.25
C ALA A 127 6.03 -19.32 9.65
N SER A 128 7.22 -19.03 10.16
CA SER A 128 7.98 -17.84 9.76
C SER A 128 8.36 -17.83 8.28
N GLU A 129 8.12 -18.96 7.61
CA GLU A 129 8.35 -19.07 6.18
C GLU A 129 7.63 -17.97 5.39
N PHE A 130 6.42 -17.63 5.82
CA PHE A 130 5.58 -16.69 5.09
C PHE A 130 5.39 -15.35 5.78
N HIS A 131 6.10 -15.14 6.89
CA HIS A 131 6.04 -13.86 7.59
C HIS A 131 6.32 -12.69 6.66
N SER A 132 7.45 -12.76 5.95
CA SER A 132 7.89 -11.63 5.14
C SER A 132 6.91 -11.33 4.00
N ARG A 133 6.33 -12.38 3.44
CA ARG A 133 5.38 -12.19 2.35
C ARG A 133 4.05 -11.61 2.83
N TYR A 134 3.59 -12.03 4.00
CA TYR A 134 2.43 -11.38 4.61
C TYR A 134 2.77 -9.91 4.88
N ILE A 135 3.90 -9.66 5.52
CA ILE A 135 4.32 -8.30 5.85
C ILE A 135 4.42 -7.42 4.60
N THR A 136 5.09 -7.94 3.56
CA THR A 136 5.18 -7.23 2.27
C THR A 136 3.79 -6.87 1.74
N THR A 137 2.86 -7.82 1.82
CA THR A 137 1.51 -7.60 1.32
C THR A 137 0.79 -6.47 2.06
N VAL A 138 0.87 -6.49 3.40
CA VAL A 138 0.23 -5.45 4.20
C VAL A 138 0.82 -4.08 3.86
N ILE A 139 2.15 -4.01 3.75
CA ILE A 139 2.80 -2.76 3.43
C ILE A 139 2.38 -2.21 2.06
N GLN A 140 2.25 -3.09 1.07
CA GLN A 140 1.75 -2.66 -0.24
C GLN A 140 0.37 -2.05 -0.10
N ARG A 141 -0.51 -2.72 0.65
CA ARG A 141 -1.89 -2.24 0.84
C ARG A 141 -1.92 -0.93 1.61
N ILE A 142 -0.99 -0.74 2.53
CA ILE A 142 -0.87 0.54 3.24
C ILE A 142 -0.50 1.67 2.28
N PHE A 143 0.57 1.49 1.52
CA PHE A 143 1.00 2.54 0.59
C PHE A 143 -0.01 2.76 -0.55
N TYR A 144 -0.67 1.69 -0.98
CA TYR A 144 -1.72 1.79 -1.99
C TYR A 144 -2.85 2.73 -1.54
N ALA A 145 -3.24 2.63 -0.27
CA ALA A 145 -4.31 3.45 0.26
C ALA A 145 -3.84 4.82 0.74
N VAL A 146 -2.64 4.88 1.30
CA VAL A 146 -2.20 6.08 2.02
C VAL A 146 -1.31 7.02 1.21
N ASN A 147 -0.39 6.47 0.42
CA ASN A 147 0.62 7.27 -0.27
C ASN A 147 0.13 7.82 -1.59
N ARG A 148 -0.82 8.75 -1.52
CA ARG A 148 -1.54 9.25 -2.69
C ARG A 148 -0.65 9.99 -3.69
N SER A 149 0.52 10.44 -3.25
CA SER A 149 1.42 11.20 -4.12
C SER A 149 2.33 10.31 -4.96
N TRP A 150 2.34 9.01 -4.68
CA TRP A 150 3.22 8.05 -5.37
C TRP A 150 4.71 8.32 -5.11
N SER A 151 5.00 9.17 -4.13
CA SER A 151 6.36 9.54 -3.79
C SER A 151 7.14 8.40 -3.13
N GLY A 152 6.42 7.42 -2.59
CA GLY A 152 7.03 6.38 -1.78
C GLY A 152 7.31 6.87 -0.37
N ARG A 153 6.85 8.08 -0.04
CA ARG A 153 7.12 8.67 1.27
C ARG A 153 5.84 9.15 1.94
N ILE A 154 5.38 8.39 2.93
CA ILE A 154 4.14 8.74 3.63
C ILE A 154 4.39 9.83 4.65
N THR A 155 3.69 10.95 4.48
CA THR A 155 3.81 12.09 5.38
C THR A 155 2.69 12.08 6.42
N CYS A 156 2.82 12.93 7.42
CA CYS A 156 1.79 13.10 8.44
C CYS A 156 0.45 13.40 7.79
N ALA A 157 0.45 14.30 6.82
CA ALA A 157 -0.79 14.73 6.17
C ALA A 157 -1.48 13.58 5.45
N GLU A 158 -0.71 12.76 4.73
CA GLU A 158 -1.28 11.60 4.05
C GLU A 158 -1.84 10.59 5.04
N LEU A 159 -1.05 10.30 6.08
CA LEU A 159 -1.46 9.34 7.09
C LEU A 159 -2.73 9.80 7.78
N ARG A 160 -2.76 11.08 8.13
CA ARG A 160 -3.90 11.72 8.76
C ARG A 160 -5.18 11.56 7.95
N ARG A 161 -5.07 11.62 6.63
CA ARG A 161 -6.26 11.52 5.76
C ARG A 161 -6.74 10.08 5.55
N SER A 162 -6.01 9.11 6.07
CA SER A 162 -6.34 7.70 5.84
C SER A 162 -7.05 7.10 7.05
N SER A 163 -7.42 5.84 6.91
CA SER A 163 -8.04 5.09 8.00
C SER A 163 -7.02 4.16 8.66
N PHE A 164 -5.75 4.32 8.33
CA PHE A 164 -4.74 3.39 8.81
C PHE A 164 -4.64 3.33 10.34
N LEU A 165 -4.57 4.48 10.99
CA LEU A 165 -4.38 4.48 12.44
C LEU A 165 -5.62 3.96 13.18
N GLN A 166 -6.79 4.23 12.62
CA GLN A 166 -8.01 3.66 13.15
C GLN A 166 -7.91 2.13 13.15
N ASN A 167 -7.34 1.58 12.07
CA ASN A 167 -7.17 0.14 11.95
C ASN A 167 -6.20 -0.41 12.97
N VAL A 168 -5.10 0.31 13.18
CA VAL A 168 -4.13 -0.06 14.21
C VAL A 168 -4.79 -0.10 15.59
N ALA A 169 -5.59 0.90 15.89
CA ALA A 169 -6.30 0.95 17.17
C ALA A 169 -7.26 -0.23 17.34
N LEU A 170 -7.85 -0.68 16.24
CA LEU A 170 -8.82 -1.77 16.29
C LEU A 170 -8.20 -3.16 16.47
N LEU A 171 -6.91 -3.30 16.19
CA LEU A 171 -6.22 -4.58 16.35
C LEU A 171 -6.43 -5.17 17.75
N GLU A 172 -6.39 -4.32 18.77
CA GLU A 172 -6.55 -4.82 20.14
C GLU A 172 -8.00 -5.15 20.47
N GLU A 173 -8.92 -4.71 19.63
CA GLU A 173 -10.35 -4.94 19.86
C GLU A 173 -10.86 -6.17 19.11
N GLU A 174 -10.12 -6.57 18.08
CA GLU A 174 -10.53 -7.68 17.23
C GLU A 174 -9.55 -8.85 17.24
N ALA A 175 -9.95 -9.95 17.86
CA ALA A 175 -9.13 -11.16 17.87
C ALA A 175 -9.06 -11.80 16.47
N ASP A 176 -10.15 -11.72 15.73
CA ASP A 176 -10.18 -12.23 14.35
C ASP A 176 -9.71 -11.13 13.41
N ILE A 177 -8.43 -11.17 13.08
CA ILE A 177 -7.81 -10.11 12.28
C ILE A 177 -8.46 -10.00 10.90
N ASN A 178 -9.14 -11.05 10.46
CA ASN A 178 -9.77 -11.05 9.14
C ASN A 178 -10.99 -10.12 9.06
N GLN A 179 -11.50 -9.71 10.21
CA GLN A 179 -12.55 -8.70 10.26
C GLN A 179 -12.04 -7.35 9.77
N LEU A 180 -10.73 -7.13 9.91
CA LEU A 180 -10.12 -5.87 9.49
C LEU A 180 -9.60 -5.95 8.05
N THR A 181 -10.50 -5.72 7.11
CA THR A 181 -10.27 -6.03 5.70
C THR A 181 -9.31 -5.09 4.95
N GLU A 182 -9.12 -3.89 5.47
CA GLU A 182 -8.40 -2.87 4.71
C GLU A 182 -6.89 -3.08 4.59
N PHE A 183 -6.26 -3.57 5.65
CA PHE A 183 -4.81 -3.64 5.66
C PHE A 183 -4.27 -4.99 6.16
N PHE A 184 -4.75 -5.42 7.32
CA PHE A 184 -4.13 -6.54 8.04
C PHE A 184 -4.70 -7.93 7.73
N SER A 185 -5.86 -7.98 7.09
CA SER A 185 -6.54 -9.24 6.82
C SER A 185 -5.61 -10.31 6.25
N TYR A 186 -5.48 -11.43 6.95
CA TYR A 186 -4.66 -12.52 6.45
C TYR A 186 -5.33 -13.15 5.24
N GLU A 187 -6.65 -13.20 5.28
CA GLU A 187 -7.43 -13.79 4.20
C GLU A 187 -7.20 -13.06 2.87
N HIS A 188 -7.14 -11.73 2.93
CA HIS A 188 -6.86 -10.92 1.76
C HIS A 188 -5.47 -11.22 1.23
N PHE A 189 -4.51 -11.33 2.15
CA PHE A 189 -3.15 -11.73 1.79
C PHE A 189 -3.13 -13.08 1.10
N TYR A 190 -3.82 -14.05 1.70
CA TYR A 190 -3.85 -15.41 1.19
C TYR A 190 -4.32 -15.46 -0.26
N VAL A 191 -5.44 -14.78 -0.54
CA VAL A 191 -6.01 -14.76 -1.88
C VAL A 191 -5.02 -14.16 -2.88
N ILE A 192 -4.42 -13.04 -2.50
CA ILE A 192 -3.46 -12.36 -3.34
C ILE A 192 -2.23 -13.24 -3.60
N TYR A 193 -1.69 -13.83 -2.54
CA TYR A 193 -0.51 -14.66 -2.72
C TYR A 193 -0.76 -15.88 -3.58
N CYS A 194 -1.91 -16.53 -3.41
CA CYS A 194 -2.22 -17.74 -4.16
C CYS A 194 -2.34 -17.43 -5.66
N LYS A 195 -2.82 -16.24 -5.98
CA LYS A 195 -2.87 -15.81 -7.37
C LYS A 195 -1.48 -15.61 -7.96
N PHE A 196 -0.57 -15.06 -7.15
CA PHE A 196 0.82 -14.93 -7.58
C PHE A 196 1.42 -16.32 -7.79
N TRP A 197 1.17 -17.20 -6.83
CA TRP A 197 1.68 -18.57 -6.84
C TRP A 197 1.29 -19.33 -8.11
N GLU A 198 0.08 -19.09 -8.61
CA GLU A 198 -0.41 -19.75 -9.81
C GLU A 198 0.42 -19.36 -11.03
N LEU A 199 0.94 -18.13 -11.02
CA LEU A 199 1.68 -17.60 -12.15
C LEU A 199 3.16 -17.97 -12.08
N ASP A 200 3.71 -17.98 -10.88
CA ASP A 200 5.14 -18.24 -10.68
C ASP A 200 5.44 -19.73 -10.73
N THR A 201 5.40 -20.31 -11.93
CA THR A 201 5.44 -21.77 -12.06
C THR A 201 6.81 -22.40 -11.82
N ASP A 202 7.88 -21.61 -11.84
CA ASP A 202 9.21 -22.15 -11.60
C ASP A 202 9.73 -21.76 -10.21
N HIS A 203 8.88 -21.06 -9.46
CA HIS A 203 9.11 -20.75 -8.05
C HIS A 203 10.29 -19.84 -7.74
N ASP A 204 10.69 -18.99 -8.67
CA ASP A 204 11.80 -18.07 -8.41
C ASP A 204 11.35 -16.73 -7.85
N LEU A 205 10.05 -16.64 -7.52
CA LEU A 205 9.43 -15.46 -6.93
C LEU A 205 9.40 -14.23 -7.86
N LEU A 206 9.64 -14.48 -9.15
CA LEU A 206 9.55 -13.43 -10.16
C LEU A 206 8.62 -13.90 -11.28
N ILE A 207 7.90 -12.97 -11.90
CA ILE A 207 7.10 -13.35 -13.05
C ILE A 207 7.42 -12.46 -14.24
N ASP A 208 7.31 -13.03 -15.44
CA ASP A 208 7.57 -12.28 -16.65
C ASP A 208 6.29 -11.90 -17.38
N ALA A 209 6.43 -11.34 -18.58
CA ALA A 209 5.28 -10.87 -19.34
C ALA A 209 4.36 -12.02 -19.78
N ASP A 210 4.95 -13.15 -20.13
CA ASP A 210 4.16 -14.33 -20.50
C ASP A 210 3.31 -14.77 -19.30
N ASP A 211 3.93 -14.82 -18.13
CA ASP A 211 3.22 -15.18 -16.91
C ASP A 211 2.06 -14.23 -16.63
N LEU A 212 2.37 -12.93 -16.62
CA LEU A 212 1.37 -11.91 -16.31
C LEU A 212 0.17 -11.95 -17.27
N ALA A 213 0.44 -12.21 -18.54
CA ALA A 213 -0.62 -12.33 -19.55
C ALA A 213 -1.63 -13.44 -19.20
N ARG A 214 -1.14 -14.50 -18.57
CA ARG A 214 -2.02 -15.61 -18.18
C ARG A 214 -3.04 -15.21 -17.12
N HIS A 215 -2.70 -14.21 -16.31
CA HIS A 215 -3.47 -13.88 -15.11
C HIS A 215 -4.99 -13.75 -15.30
N ASN A 216 -5.41 -12.93 -16.25
CA ASN A 216 -6.84 -12.83 -16.55
C ASN A 216 -7.11 -13.28 -17.98
N ASP A 217 -6.39 -14.32 -18.38
CA ASP A 217 -6.62 -15.00 -19.64
C ASP A 217 -6.42 -14.09 -20.85
N HIS A 218 -5.34 -13.31 -20.81
CA HIS A 218 -4.95 -12.45 -21.92
C HIS A 218 -5.99 -11.38 -22.23
N ALA A 219 -6.67 -10.91 -21.19
CA ALA A 219 -7.65 -9.85 -21.33
C ALA A 219 -6.97 -8.51 -21.60
N LEU A 220 -5.79 -8.30 -21.02
CA LEU A 220 -5.02 -7.07 -21.24
C LEU A 220 -4.20 -7.16 -22.53
N SER A 221 -4.10 -6.05 -23.25
CA SER A 221 -3.29 -6.01 -24.46
C SER A 221 -1.81 -6.20 -24.14
N THR A 222 -1.05 -6.74 -25.08
CA THR A 222 0.37 -6.97 -24.87
C THR A 222 1.13 -5.67 -24.65
N LYS A 223 0.67 -4.59 -25.29
CA LYS A 223 1.28 -3.29 -25.10
C LYS A 223 1.10 -2.77 -23.68
N ILE A 225 0.56 -4.86 -21.03
CA ILE A 225 1.39 -5.76 -20.23
C ILE A 225 2.83 -5.29 -20.21
N ASP A 226 3.34 -4.88 -21.37
CA ASP A 226 4.71 -4.38 -21.48
C ASP A 226 4.95 -3.13 -20.64
N ARG A 227 3.93 -2.27 -20.51
CA ARG A 227 4.06 -1.08 -19.68
C ARG A 227 4.17 -1.40 -18.19
N ILE A 228 3.55 -2.51 -17.76
CA ILE A 228 3.70 -2.96 -16.38
C ILE A 228 5.17 -3.24 -16.09
N PHE A 229 5.91 -3.63 -17.12
CA PHE A 229 7.33 -3.96 -16.97
C PHE A 229 8.26 -2.79 -17.28
N SER A 230 7.68 -1.65 -17.61
CA SER A 230 8.45 -0.50 -18.12
C SER A 230 9.12 0.35 -17.04
N GLY A 231 8.57 0.35 -15.84
CA GLY A 231 9.05 1.25 -14.81
C GLY A 231 8.06 2.37 -14.53
N ALA A 232 7.00 2.43 -15.32
CA ALA A 232 5.97 3.44 -15.16
C ALA A 232 5.23 3.34 -13.82
N VAL A 233 5.05 2.13 -13.30
CA VAL A 233 4.28 1.95 -12.05
C VAL A 233 5.02 1.17 -10.96
N THR A 234 6.24 0.73 -11.26
CA THR A 234 7.00 -0.02 -10.28
C THR A 234 7.26 0.84 -9.03
N ARG A 235 7.16 0.22 -7.86
CA ARG A 235 7.44 0.89 -6.61
C ARG A 235 8.88 0.61 -6.17
N GLY A 236 9.58 -0.23 -6.94
CA GLY A 236 10.90 -0.70 -6.55
C GLY A 236 12.07 0.15 -7.02
N ARG A 237 11.77 1.27 -7.66
CA ARG A 237 12.77 2.25 -8.09
C ARG A 237 13.87 1.73 -9.03
N LYS A 238 13.68 0.55 -9.61
CA LYS A 238 14.68 0.03 -10.54
C LYS A 238 14.69 0.79 -11.87
N VAL A 239 15.90 1.03 -12.37
CA VAL A 239 16.12 1.87 -13.54
C VAL A 239 16.07 1.09 -14.86
N GLN A 240 16.62 -0.12 -14.86
CA GLN A 240 16.66 -0.92 -16.08
C GLN A 240 15.35 -1.68 -16.29
N LYS A 241 15.03 -1.97 -17.55
CA LYS A 241 13.89 -2.84 -17.84
C LYS A 241 14.34 -4.30 -17.71
N GLU A 242 13.98 -4.91 -16.58
CA GLU A 242 14.52 -6.21 -16.22
C GLU A 242 13.71 -7.38 -16.78
N GLY A 243 12.49 -7.09 -17.23
CA GLY A 243 11.66 -8.09 -17.87
C GLY A 243 10.99 -9.05 -16.89
N LYS A 244 11.21 -8.82 -15.60
CA LYS A 244 10.51 -9.55 -14.55
C LYS A 244 10.06 -8.60 -13.45
N ILE A 245 8.93 -8.90 -12.84
CA ILE A 245 8.47 -8.12 -11.69
C ILE A 245 8.38 -9.01 -10.46
N SER A 246 8.45 -8.36 -9.31
CA SER A 246 8.45 -9.04 -8.02
C SER A 246 7.02 -9.27 -7.52
N TYR A 247 6.90 -10.06 -6.46
CA TYR A 247 5.62 -10.25 -5.81
C TYR A 247 5.02 -8.91 -5.37
N ALA A 248 5.87 -8.04 -4.80
CA ALA A 248 5.41 -6.75 -4.32
C ALA A 248 4.74 -5.95 -5.43
N ASP A 249 5.38 -5.89 -6.59
CA ASP A 249 4.79 -5.17 -7.71
C ASP A 249 3.56 -5.86 -8.28
N PHE A 250 3.51 -7.19 -8.17
CA PHE A 250 2.32 -7.94 -8.59
C PHE A 250 1.11 -7.54 -7.76
N VAL A 251 1.32 -7.31 -6.46
CA VAL A 251 0.24 -6.89 -5.58
C VAL A 251 -0.41 -5.61 -6.11
N TRP A 252 0.42 -4.64 -6.49
CA TRP A 252 -0.09 -3.38 -7.04
C TRP A 252 -0.87 -3.60 -8.33
N PHE A 253 -0.38 -4.51 -9.17
CA PHE A 253 -1.07 -4.84 -10.40
C PHE A 253 -2.43 -5.48 -10.14
N LEU A 254 -2.45 -6.45 -9.24
CA LEU A 254 -3.66 -7.23 -8.99
C LEU A 254 -4.77 -6.35 -8.44
N ILE A 255 -4.44 -5.55 -7.43
CA ILE A 255 -5.41 -4.66 -6.82
C ILE A 255 -5.94 -3.66 -7.85
N SER A 256 -5.04 -3.12 -8.66
CA SER A 256 -5.41 -2.16 -9.70
C SER A 256 -6.27 -2.80 -10.78
N GLU A 257 -5.97 -4.04 -11.14
CA GLU A 257 -6.67 -4.68 -12.23
C GLU A 257 -8.08 -5.07 -11.83
N GLU A 258 -8.25 -5.50 -10.58
CA GLU A 258 -9.54 -5.97 -10.10
C GLU A 258 -10.54 -4.84 -9.85
N ASP A 259 -10.03 -3.65 -9.58
CA ASP A 259 -10.90 -2.47 -9.46
C ASP A 259 -10.24 -1.23 -10.05
N LYS A 260 -10.60 -0.90 -11.28
CA LYS A 260 -10.01 0.24 -11.98
C LYS A 260 -10.69 1.56 -11.66
N LYS A 261 -11.56 1.55 -10.65
CA LYS A 261 -12.38 2.72 -10.30
C LYS A 261 -11.81 3.56 -9.14
N THR A 262 -10.91 2.99 -8.36
CA THR A 262 -10.33 3.71 -7.22
C THR A 262 -9.32 4.76 -7.68
N PRO A 263 -9.12 5.82 -6.87
CA PRO A 263 -8.16 6.87 -7.22
C PRO A 263 -6.75 6.34 -7.51
N THR A 264 -6.25 5.44 -6.69
CA THR A 264 -4.92 4.85 -6.90
C THR A 264 -4.85 4.03 -8.19
N SER A 265 -5.90 3.26 -8.45
CA SER A 265 -5.93 2.43 -9.66
C SER A 265 -6.02 3.27 -10.93
N ILE A 266 -6.81 4.33 -10.90
CA ILE A 266 -6.90 5.24 -12.04
C ILE A 266 -5.52 5.82 -12.34
N GLU A 267 -4.80 6.17 -11.28
CA GLU A 267 -3.42 6.67 -11.41
C GLU A 267 -2.48 5.60 -11.96
N TYR A 268 -2.66 4.37 -11.49
CA TYR A 268 -1.88 3.24 -11.98
C TYR A 268 -2.03 3.06 -13.51
N TRP A 269 -3.26 3.00 -13.99
CA TRP A 269 -3.47 2.80 -15.43
C TRP A 269 -3.12 4.04 -16.24
N PHE A 270 -3.36 5.23 -15.67
CA PHE A 270 -2.96 6.48 -16.31
C PHE A 270 -1.45 6.53 -16.54
N ARG A 271 -0.69 6.19 -15.51
CA ARG A 271 0.78 6.19 -15.61
C ARG A 271 1.27 5.25 -16.71
N CYS A 272 0.60 4.10 -16.84
CA CYS A 272 0.95 3.14 -17.89
C CYS A 272 0.63 3.67 -19.29
N ASP A 274 0.43 6.89 -20.08
CA ASP A 274 1.20 8.11 -20.28
C ASP A 274 2.62 7.78 -20.69
N LEU A 275 2.79 7.45 -21.98
CA LEU A 275 4.06 6.95 -22.50
C LEU A 275 5.27 7.84 -22.23
N ASP A 276 5.11 9.15 -22.39
CA ASP A 276 6.24 10.04 -22.17
C ASP A 276 6.23 10.68 -20.78
N GLY A 277 5.31 10.22 -19.94
CA GLY A 277 5.25 10.63 -18.54
C GLY A 277 5.13 12.12 -18.30
N ASP A 278 4.43 12.84 -19.18
CA ASP A 278 4.30 14.29 -19.04
C ASP A 278 3.01 14.74 -18.35
N GLY A 279 2.21 13.79 -17.87
CA GLY A 279 1.00 14.14 -17.14
C GLY A 279 -0.25 14.31 -17.97
N ALA A 280 -0.16 13.97 -19.27
CA ALA A 280 -1.31 14.02 -20.16
C ALA A 280 -1.28 12.87 -21.17
N LEU A 281 -2.44 12.33 -21.49
CA LEU A 281 -2.55 11.35 -22.55
C LEU A 281 -2.75 12.09 -23.87
N SER A 282 -1.77 11.99 -24.76
CA SER A 282 -1.87 12.64 -26.06
C SER A 282 -2.67 11.74 -27.00
N PHE A 284 -1.56 10.58 -29.80
CA PHE A 284 -0.61 9.56 -30.20
C PHE A 284 -0.63 8.41 -29.20
N GLU A 285 -0.64 8.76 -27.92
CA GLU A 285 -0.61 7.76 -26.86
C GLU A 285 -1.89 6.91 -26.85
N LEU A 286 -3.04 7.55 -27.00
CA LEU A 286 -4.31 6.82 -27.07
C LEU A 286 -4.33 5.87 -28.25
N GLU A 287 -3.88 6.37 -29.40
CA GLU A 287 -3.90 5.59 -30.64
C GLU A 287 -2.94 4.41 -30.58
N TYR A 288 -1.80 4.63 -29.94
CA TYR A 288 -0.81 3.58 -29.71
C TYR A 288 -1.44 2.35 -29.07
N PHE A 289 -2.30 2.56 -28.08
CA PHE A 289 -2.99 1.44 -27.44
C PHE A 289 -4.18 0.96 -28.25
N TYR A 290 -4.99 1.89 -28.75
CA TYR A 290 -6.21 1.51 -29.47
C TYR A 290 -5.90 0.71 -30.73
N GLU A 291 -4.77 1.02 -31.35
CA GLU A 291 -4.21 0.25 -32.46
C GLU A 291 -4.28 -1.26 -32.19
N GLU A 292 -3.75 -1.69 -31.05
CA GLU A 292 -3.73 -3.12 -30.74
C GLU A 292 -5.13 -3.68 -30.40
N GLN A 293 -5.94 -2.87 -29.72
CA GLN A 293 -7.33 -3.24 -29.45
C GLN A 293 -8.05 -3.65 -30.73
N CYS A 294 -7.90 -2.84 -31.76
CA CYS A 294 -8.54 -3.13 -33.05
C CYS A 294 -8.09 -4.47 -33.62
N ARG A 295 -6.79 -4.72 -33.58
CA ARG A 295 -6.24 -5.98 -34.06
C ARG A 295 -6.78 -7.18 -33.27
N ARG A 296 -6.89 -7.02 -31.96
CA ARG A 296 -7.42 -8.07 -31.11
C ARG A 296 -8.90 -8.31 -31.37
N LEU A 297 -9.64 -7.21 -31.59
CA LEU A 297 -11.07 -7.31 -31.89
C LEU A 297 -11.30 -7.97 -33.23
N ASP A 298 -10.36 -7.74 -34.15
CA ASP A 298 -10.43 -8.37 -35.47
C ASP A 298 -10.31 -9.88 -35.35
N SER A 299 -9.49 -10.33 -34.40
CA SER A 299 -9.26 -11.75 -34.18
C SER A 299 -10.51 -12.43 -33.59
N ALA A 301 -13.60 -11.63 -34.80
CA ALA A 301 -14.61 -11.33 -35.81
C ALA A 301 -15.46 -10.11 -35.47
N ILE A 302 -14.90 -9.22 -34.67
CA ILE A 302 -15.55 -7.95 -34.36
C ILE A 302 -14.84 -6.84 -35.12
N GLU A 303 -15.60 -6.07 -35.88
CA GLU A 303 -15.04 -4.96 -36.63
C GLU A 303 -14.99 -3.72 -35.74
N ALA A 304 -13.78 -3.36 -35.31
CA ALA A 304 -13.61 -2.25 -34.38
C ALA A 304 -13.98 -0.91 -34.99
N LEU A 305 -14.43 0.02 -34.14
CA LEU A 305 -14.63 1.39 -34.57
C LEU A 305 -13.29 1.99 -34.96
N PRO A 306 -13.27 2.77 -36.05
CA PRO A 306 -12.10 3.59 -36.36
C PRO A 306 -11.73 4.44 -35.15
N PHE A 307 -10.46 4.79 -35.02
CA PHE A 307 -9.98 5.53 -33.86
C PHE A 307 -10.76 6.82 -33.61
N GLN A 308 -11.01 7.57 -34.69
CA GLN A 308 -11.73 8.83 -34.57
C GLN A 308 -13.18 8.67 -34.12
N ASP A 309 -13.82 7.57 -34.53
CA ASP A 309 -15.16 7.26 -34.04
C ASP A 309 -15.15 6.86 -32.57
N CYS A 310 -14.20 6.01 -32.18
CA CYS A 310 -14.03 5.65 -30.78
C CYS A 310 -13.75 6.90 -29.95
N LEU A 311 -12.93 7.78 -30.50
CA LEU A 311 -12.55 9.02 -29.81
C LEU A 311 -13.75 9.93 -29.53
N CYS A 312 -14.67 10.04 -30.49
CA CYS A 312 -15.92 10.77 -30.29
C CYS A 312 -16.62 10.34 -29.01
N GLN A 313 -16.79 9.04 -28.86
CA GLN A 313 -17.48 8.49 -27.70
C GLN A 313 -16.70 8.68 -26.41
N LEU A 315 -14.51 11.14 -25.82
CA LEU A 315 -14.55 12.56 -25.49
C LEU A 315 -15.87 12.89 -24.83
N ASP A 316 -16.94 12.24 -25.28
CA ASP A 316 -18.25 12.46 -24.70
C ASP A 316 -18.37 11.83 -23.32
N LEU A 317 -17.66 10.72 -23.12
CA LEU A 317 -17.64 10.04 -21.84
C LEU A 317 -16.82 10.81 -20.82
N VAL A 318 -15.67 11.31 -21.24
CA VAL A 318 -14.70 11.93 -20.34
C VAL A 318 -14.93 13.43 -20.19
N LYS A 319 -15.33 14.08 -21.28
CA LYS A 319 -15.47 15.54 -21.33
C LYS A 319 -14.22 16.25 -20.82
N PRO A 320 -13.07 16.01 -21.46
CA PRO A 320 -11.81 16.62 -21.01
C PRO A 320 -11.84 18.14 -21.04
N ARG A 321 -11.05 18.77 -20.19
CA ARG A 321 -11.06 20.23 -20.04
C ARG A 321 -10.34 20.93 -21.19
N THR A 322 -9.30 20.28 -21.71
CA THR A 322 -8.45 20.87 -22.74
C THR A 322 -8.40 19.99 -23.97
N GLU A 323 -8.68 20.58 -25.14
CA GLU A 323 -8.66 19.83 -26.40
C GLU A 323 -7.28 19.26 -26.71
N GLY A 324 -7.27 18.06 -27.27
CA GLY A 324 -6.03 17.43 -27.67
C GLY A 324 -5.35 16.54 -26.64
N LYS A 325 -5.87 16.52 -25.41
CA LYS A 325 -5.27 15.72 -24.36
C LYS A 325 -6.26 15.29 -23.27
N ILE A 326 -5.95 14.17 -22.62
CA ILE A 326 -6.75 13.68 -21.50
C ILE A 326 -5.86 13.67 -20.27
N THR A 327 -6.29 14.37 -19.22
CA THR A 327 -5.51 14.43 -17.99
C THR A 327 -6.03 13.43 -16.95
N LEU A 328 -5.21 13.16 -15.95
CA LEU A 328 -5.62 12.32 -14.84
C LEU A 328 -6.85 12.91 -14.15
N GLN A 329 -6.85 14.24 -14.00
CA GLN A 329 -7.98 14.94 -13.41
C GLN A 329 -9.27 14.74 -14.23
N ASP A 330 -9.14 14.70 -15.56
CA ASP A 330 -10.30 14.43 -16.42
C ASP A 330 -10.89 13.07 -16.09
N LEU A 331 -10.04 12.07 -16.00
CA LEU A 331 -10.49 10.70 -15.79
C LEU A 331 -11.16 10.51 -14.42
N LYS A 332 -10.61 11.15 -13.39
CA LYS A 332 -11.19 11.09 -12.06
C LYS A 332 -12.57 11.74 -12.02
N ARG A 333 -12.72 12.88 -12.69
CA ARG A 333 -13.95 13.65 -12.65
C ARG A 333 -15.10 13.02 -13.44
N CYS A 334 -14.78 12.26 -14.48
CA CYS A 334 -15.83 11.69 -15.33
C CYS A 334 -16.53 10.52 -14.63
N LYS A 335 -15.87 9.96 -13.60
CA LYS A 335 -16.42 8.88 -12.80
C LYS A 335 -16.62 7.58 -13.59
N LEU A 336 -16.08 7.52 -14.80
CA LEU A 336 -16.21 6.33 -15.63
C LEU A 336 -14.88 5.93 -16.24
N ALA A 337 -13.80 6.15 -15.50
CA ALA A 337 -12.46 5.85 -16.00
C ALA A 337 -12.27 4.38 -16.38
N ASN A 338 -12.96 3.48 -15.68
CA ASN A 338 -12.85 2.05 -15.96
C ASN A 338 -13.32 1.71 -17.37
N VAL A 339 -14.37 2.41 -17.82
CA VAL A 339 -14.87 2.25 -19.18
C VAL A 339 -13.85 2.73 -20.19
N PHE A 340 -13.24 3.88 -19.89
CA PHE A 340 -12.20 4.46 -20.72
C PHE A 340 -11.05 3.47 -20.86
N PHE A 341 -10.53 2.99 -19.72
CA PHE A 341 -9.44 2.04 -19.71
C PHE A 341 -9.77 0.75 -20.46
N ASP A 342 -10.92 0.16 -20.16
CA ASP A 342 -11.34 -1.06 -20.82
C ASP A 342 -11.39 -0.90 -22.33
N THR A 343 -11.92 0.24 -22.79
CA THR A 343 -12.00 0.56 -24.20
C THR A 343 -10.62 0.52 -24.88
N PHE A 344 -9.60 0.95 -24.17
CA PHE A 344 -8.28 1.10 -24.78
C PHE A 344 -7.33 -0.09 -24.63
N PHE A 345 -7.55 -0.96 -23.65
CA PHE A 345 -6.62 -2.08 -23.48
C PHE A 345 -7.16 -3.36 -22.84
N ASN A 346 -8.47 -3.42 -22.58
CA ASN A 346 -9.02 -4.59 -21.90
C ASN A 346 -10.11 -5.29 -22.72
N ILE A 347 -9.88 -6.56 -23.04
CA ILE A 347 -10.91 -7.35 -23.70
C ILE A 347 -11.32 -8.51 -22.80
N GLU A 348 -12.49 -8.39 -22.18
CA GLU A 348 -12.91 -9.32 -21.15
C GLU A 348 -13.00 -10.77 -21.62
N LYS A 349 -13.73 -11.01 -22.70
CA LYS A 349 -13.88 -12.38 -23.22
C LYS A 349 -13.00 -12.65 -24.45
N TYR A 350 -11.73 -12.27 -24.36
CA TYR A 350 -10.77 -12.50 -25.43
C TYR A 350 -10.46 -13.98 -25.58
N LEU A 351 -10.64 -14.71 -24.49
CA LEU A 351 -10.43 -16.15 -24.44
C LEU A 351 -11.18 -16.89 -25.53
N ASP A 352 -12.34 -16.36 -25.89
CA ASP A 352 -13.25 -17.04 -26.81
C ASP A 352 -13.03 -16.65 -28.27
N HIS A 353 -11.86 -16.09 -28.57
CA HIS A 353 -11.56 -15.67 -29.94
C HIS A 353 -11.24 -16.84 -30.87
N GLU A 354 -11.65 -16.70 -32.13
CA GLU A 354 -11.45 -17.75 -33.12
C GLU A 354 -10.88 -17.18 -34.42
#